data_3SJH
#
_entry.id   3SJH
#
_cell.length_a   67.644
_cell.length_b   74.977
_cell.length_c   86.393
_cell.angle_alpha   90.000
_cell.angle_beta   90.000
_cell.angle_gamma   90.000
#
_symmetry.space_group_name_H-M   'P 21 21 21'
#
loop_
_entity.id
_entity.type
_entity.pdbx_description
1 polymer 'Actin, alpha skeletal muscle'
2 polymer 'Ciboulot/Thymosin beta-4 chimeric protein'
3 non-polymer "ADENOSINE-5'-TRIPHOSPHATE"
4 non-polymer 'MAGNESIUM ION'
5 non-polymer 'LATRUNCULIN A'
6 water water
#
loop_
_entity_poly.entity_id
_entity_poly.type
_entity_poly.pdbx_seq_one_letter_code
_entity_poly.pdbx_strand_id
1 'polypeptide(L)'
;DEDETTALVCDNGSGLVKAGFAGDDAPRAVFPSIVGRPRHQGVMVGMGQKDSYVGDEAQSKRGILTLKYPIEHGIITNWD
DMEKIWHHTFYNELRVAPEEHPTLLTEAPLNPKANREKMTQIMFETFNVPAMYVAIQAVLSLYASGRTTGIVLDSGDGVT
HNVPIYEGYALPHAIMRLDLAGRDLTDYLMKILTERGYSFVTTAEREIVRDIKEKLCYVALDFENEMATAASSSSLEKSY
ELPDGQVITIGNERFRCPETLFQPSFIGMESAGIHETTYNSIMKCDIDIRKDLYANNVMSGGTTMYPGIADRMQKEITAL
APSTMKIKIIAPPERKYSVWIGGSILASLSTFQQMWITKQEYDEAGPSIVHRKCF
;
A
2 'polypeptide(L)' GPLGSLKDLPKVAENLKSQLEGFNQDKLKKTETQEKNPLPSKETIEQEKQAGES B
#
loop_
_chem_comp.id
_chem_comp.type
_chem_comp.name
_chem_comp.formula
ATP non-polymer ADENOSINE-5'-TRIPHOSPHATE 'C10 H16 N5 O13 P3'
LAR non-polymer 'LATRUNCULIN A' 'C22 H31 N O5 S'
MG non-polymer 'MAGNESIUM ION' 'Mg 2'
#
# COMPACT_ATOMS: atom_id res chain seq x y z
N THR A 6 20.77 -14.41 -2.26
CA THR A 6 19.51 -13.91 -2.97
C THR A 6 19.07 -12.59 -2.35
N ALA A 7 18.59 -11.65 -3.16
CA ALA A 7 18.21 -10.33 -2.61
C ALA A 7 16.85 -10.51 -1.91
N LEU A 8 16.67 -9.76 -0.85
CA LEU A 8 15.38 -9.71 -0.17
C LEU A 8 14.61 -8.47 -0.55
N VAL A 9 13.31 -8.56 -0.42
CA VAL A 9 12.41 -7.40 -0.68
C VAL A 9 11.46 -7.28 0.51
N CYS A 10 11.46 -6.08 1.09
CA CYS A 10 10.60 -5.83 2.28
C CYS A 10 9.75 -4.59 2.03
N ASP A 11 8.44 -4.79 1.96
CA ASP A 11 7.51 -3.67 1.76
C ASP A 11 6.83 -3.40 3.13
N ASN A 12 7.29 -2.32 3.77
CA ASN A 12 6.79 -2.01 5.13
C ASN A 12 5.57 -1.11 5.08
N GLY A 13 4.39 -1.68 5.27
CA GLY A 13 3.17 -0.92 5.22
C GLY A 13 2.69 -0.51 6.63
N SER A 14 1.74 0.44 6.68
CA SER A 14 1.17 0.87 7.92
C SER A 14 0.45 -0.28 8.65
N GLY A 15 -0.18 -1.17 7.83
CA GLY A 15 -0.92 -2.30 8.43
C GLY A 15 -0.20 -3.64 8.30
N LEU A 16 0.31 -3.96 7.10
CA LEU A 16 0.98 -5.23 6.89
C LEU A 16 2.39 -5.08 6.37
N VAL A 17 3.25 -5.94 6.87
CA VAL A 17 4.61 -6.08 6.30
C VAL A 17 4.47 -7.18 5.22
N LYS A 18 4.94 -6.84 3.99
CA LYS A 18 5.06 -7.87 2.92
C LYS A 18 6.57 -8.08 2.72
N ALA A 19 7.02 -9.31 2.88
CA ALA A 19 8.42 -9.61 2.72
C ALA A 19 8.67 -10.96 2.03
N GLY A 20 9.80 -11.02 1.40
CA GLY A 20 10.21 -12.27 0.70
C GLY A 20 11.47 -12.10 -0.08
N PHE A 21 11.63 -12.98 -1.09
CA PHE A 21 12.87 -13.06 -1.84
C PHE A 21 12.68 -12.51 -3.29
N ALA A 22 13.65 -11.73 -3.76
CA ALA A 22 13.62 -11.22 -5.14
C ALA A 22 13.58 -12.36 -6.10
N GLY A 23 12.69 -12.25 -7.08
CA GLY A 23 12.53 -13.32 -8.12
C GLY A 23 11.34 -14.20 -7.85
N ASP A 24 10.77 -14.15 -6.64
CA ASP A 24 9.51 -14.85 -6.31
C ASP A 24 8.29 -14.08 -6.79
N ASP A 25 7.19 -14.78 -7.06
CA ASP A 25 5.99 -14.16 -7.60
C ASP A 25 5.06 -13.55 -6.55
N ALA A 26 5.42 -13.78 -5.27
CA ALA A 26 4.58 -13.31 -4.11
C ALA A 26 5.47 -13.27 -2.87
N PRO A 27 5.09 -12.40 -1.93
CA PRO A 27 5.89 -12.33 -0.68
C PRO A 27 5.60 -13.61 0.13
N ARG A 28 6.64 -14.24 0.62
CA ARG A 28 6.50 -15.42 1.49
C ARG A 28 5.97 -15.09 2.85
N ALA A 29 6.18 -13.83 3.29
CA ALA A 29 5.75 -13.41 4.63
C ALA A 29 4.86 -12.19 4.57
N VAL A 30 3.65 -12.33 5.12
CA VAL A 30 2.73 -11.16 5.18
C VAL A 30 2.16 -11.23 6.59
N PHE A 31 2.48 -10.15 7.39
CA PHE A 31 2.17 -10.18 8.80
C PHE A 31 1.88 -8.79 9.33
N PRO A 32 1.12 -8.69 10.41
CA PRO A 32 0.73 -7.38 10.88
C PRO A 32 1.92 -6.55 11.38
N SER A 33 1.92 -5.29 10.98
CA SER A 33 2.97 -4.32 11.35
C SER A 33 2.67 -3.75 12.74
N ILE A 34 2.78 -4.61 13.74
CA ILE A 34 2.51 -4.20 15.10
C ILE A 34 3.56 -4.75 16.02
N VAL A 35 3.92 -3.99 17.06
CA VAL A 35 4.90 -4.44 18.06
C VAL A 35 4.31 -4.24 19.45
N GLY A 36 4.44 -5.26 20.29
CA GLY A 36 3.89 -5.15 21.65
C GLY A 36 5.03 -5.31 22.66
N ARG A 37 4.90 -4.56 23.76
CA ARG A 37 5.86 -4.64 24.84
C ARG A 37 5.11 -4.73 26.17
N PRO A 38 5.72 -5.42 27.18
CA PRO A 38 5.05 -5.74 28.47
C PRO A 38 4.48 -4.50 29.20
N ARG A 39 3.21 -4.57 29.57
CA ARG A 39 2.51 -3.47 30.17
C ARG A 39 2.91 -3.39 31.63
N HIS A 40 3.29 -4.52 32.26
CA HIS A 40 3.53 -4.58 33.74
C HIS A 40 4.79 -5.39 34.01
N GLN A 41 5.48 -5.01 35.08
CA GLN A 41 6.88 -5.34 35.38
C GLN A 41 7.88 -5.07 34.25
N ASP A 51 10.85 -9.32 26.21
CA ASP A 51 10.30 -7.93 26.29
C ASP A 51 9.78 -7.22 25.02
N SER A 52 9.70 -7.97 23.92
CA SER A 52 8.92 -7.47 22.77
C SER A 52 8.35 -8.66 22.02
N TYR A 53 7.21 -8.41 21.36
CA TYR A 53 6.58 -9.38 20.44
C TYR A 53 6.16 -8.59 19.20
N VAL A 54 6.07 -9.31 18.05
CA VAL A 54 5.79 -8.65 16.78
C VAL A 54 4.69 -9.48 16.14
N GLY A 55 3.75 -8.79 15.47
CA GLY A 55 2.78 -9.44 14.54
C GLY A 55 1.72 -10.26 15.25
N ASP A 56 1.41 -11.45 14.72
CA ASP A 56 0.27 -12.20 15.29
C ASP A 56 0.49 -12.60 16.76
N GLU A 57 1.72 -12.85 17.10
CA GLU A 57 1.99 -13.24 18.53
C GLU A 57 1.72 -12.07 19.48
N ALA A 58 2.07 -10.85 19.03
CA ALA A 58 1.76 -9.62 19.81
C ALA A 58 0.26 -9.52 20.06
N GLN A 59 -0.54 -9.81 19.01
CA GLN A 59 -2.01 -9.73 19.15
C GLN A 59 -2.54 -10.81 20.10
N SER A 60 -1.93 -11.98 19.99
CA SER A 60 -2.36 -13.15 20.81
C SER A 60 -2.13 -12.80 22.29
N LYS A 61 -1.08 -12.03 22.56
CA LYS A 61 -0.72 -11.72 23.97
C LYS A 61 -1.09 -10.25 24.29
N ARG A 62 -2.05 -9.69 23.56
CA ARG A 62 -2.36 -8.27 23.76
C ARG A 62 -2.81 -7.90 25.19
N GLY A 63 -3.34 -8.87 25.91
CA GLY A 63 -3.74 -8.71 27.33
C GLY A 63 -2.62 -8.29 28.25
N ILE A 64 -1.36 -8.55 27.88
CA ILE A 64 -0.22 -8.23 28.74
C ILE A 64 0.75 -7.22 28.09
N LEU A 65 0.38 -6.78 26.90
CA LEU A 65 1.28 -5.92 26.09
C LEU A 65 0.61 -4.64 25.74
N THR A 66 1.44 -3.59 25.59
CA THR A 66 0.95 -2.40 24.90
C THR A 66 1.32 -2.50 23.38
N LEU A 67 0.32 -2.50 22.52
CA LEU A 67 0.51 -2.76 21.03
C LEU A 67 0.57 -1.43 20.31
N LYS A 68 1.60 -1.25 19.48
CA LYS A 68 1.74 -0.04 18.66
C LYS A 68 2.02 -0.36 17.22
N TYR A 69 1.51 0.48 16.32
CA TYR A 69 1.91 0.46 14.90
C TYR A 69 3.11 1.43 14.73
N PRO A 70 4.28 0.88 14.32
CA PRO A 70 5.46 1.74 14.16
C PRO A 70 5.40 2.60 12.94
N ILE A 71 4.51 2.27 12.02
CA ILE A 71 4.37 3.08 10.77
C ILE A 71 2.94 3.72 10.80
N GLU A 72 2.93 5.03 10.66
CA GLU A 72 1.67 5.75 10.67
C GLU A 72 1.57 6.51 9.33
N HIS A 73 0.46 6.24 8.62
CA HIS A 73 0.20 6.82 7.27
C HIS A 73 1.44 6.64 6.36
N GLY A 74 2.06 5.45 6.46
CA GLY A 74 3.19 5.11 5.52
C GLY A 74 4.55 5.58 5.95
N ILE A 75 4.57 6.44 6.98
CA ILE A 75 5.88 6.95 7.46
C ILE A 75 6.25 6.27 8.80
N ILE A 76 7.54 5.87 8.86
CA ILE A 76 8.06 5.26 10.11
C ILE A 76 8.12 6.33 11.17
N THR A 77 7.42 6.07 12.29
CA THR A 77 7.40 7.04 13.41
C THR A 77 8.01 6.52 14.72
N ASN A 78 8.01 5.22 14.90
CA ASN A 78 8.64 4.61 16.13
C ASN A 78 9.82 3.72 15.65
N TRP A 79 11.02 4.27 15.74
CA TRP A 79 12.21 3.60 15.21
C TRP A 79 12.66 2.35 16.02
N ASP A 80 12.61 2.41 17.38
CA ASP A 80 12.91 1.24 18.16
C ASP A 80 12.01 0.09 17.83
N ASP A 81 10.70 0.38 17.61
CA ASP A 81 9.79 -0.69 17.25
C ASP A 81 9.97 -1.15 15.80
N MET A 82 10.37 -0.20 14.91
CA MET A 82 10.60 -0.53 13.54
C MET A 82 11.79 -1.51 13.45
N GLU A 83 12.79 -1.31 14.31
CA GLU A 83 13.90 -2.27 14.34
C GLU A 83 13.41 -3.67 14.74
N LYS A 84 12.44 -3.72 15.65
CA LYS A 84 11.86 -5.01 16.03
C LYS A 84 11.11 -5.69 14.86
N ILE A 85 10.42 -4.88 14.07
CA ILE A 85 9.71 -5.39 12.88
C ILE A 85 10.73 -6.01 11.90
N TRP A 86 11.82 -5.27 11.63
CA TRP A 86 12.84 -5.77 10.66
C TRP A 86 13.50 -7.01 11.23
N HIS A 87 13.79 -7.00 12.54
CA HIS A 87 14.45 -8.15 13.18
C HIS A 87 13.55 -9.38 13.01
N HIS A 88 12.26 -9.23 13.28
CA HIS A 88 11.34 -10.31 13.18
C HIS A 88 11.26 -10.78 11.71
N THR A 89 11.23 -9.81 10.77
CA THR A 89 11.17 -10.13 9.38
C THR A 89 12.32 -11.05 8.97
N PHE A 90 13.55 -10.66 9.33
CA PHE A 90 14.70 -11.38 8.93
C PHE A 90 14.73 -12.77 9.63
N TYR A 91 14.69 -12.74 10.96
CA TYR A 91 15.04 -13.99 11.70
C TYR A 91 13.90 -14.90 11.96
N ASN A 92 12.69 -14.38 12.12
CA ASN A 92 11.55 -15.21 12.43
C ASN A 92 10.73 -15.62 11.19
N GLU A 93 10.49 -14.66 10.31
CA GLU A 93 9.62 -14.87 9.13
C GLU A 93 10.40 -15.47 7.98
N LEU A 94 11.48 -14.80 7.54
CA LEU A 94 12.20 -15.29 6.34
C LEU A 94 13.27 -16.26 6.73
N ARG A 95 13.64 -16.27 7.99
CA ARG A 95 14.73 -17.16 8.49
C ARG A 95 16.07 -17.03 7.79
N VAL A 96 16.55 -15.80 7.62
CA VAL A 96 17.75 -15.52 6.96
C VAL A 96 18.74 -14.74 7.86
N ALA A 97 19.99 -14.75 7.51
CA ALA A 97 20.96 -13.88 8.14
C ALA A 97 21.07 -12.62 7.27
N PRO A 98 20.68 -11.47 7.78
CA PRO A 98 20.61 -10.30 6.89
C PRO A 98 22.00 -9.92 6.34
N GLU A 99 23.09 -10.21 7.07
CA GLU A 99 24.39 -9.87 6.59
C GLU A 99 24.78 -10.57 5.27
N GLU A 100 24.01 -11.60 4.87
CA GLU A 100 24.22 -12.37 3.66
C GLU A 100 23.38 -11.92 2.44
N HIS A 101 22.49 -10.95 2.61
CA HIS A 101 21.51 -10.69 1.52
C HIS A 101 21.36 -9.16 1.25
N PRO A 102 21.52 -8.75 0.00
CA PRO A 102 21.16 -7.39 -0.34
C PRO A 102 19.67 -7.23 -0.07
N THR A 103 19.27 -6.09 0.46
CA THR A 103 17.84 -5.91 0.86
C THR A 103 17.27 -4.65 0.27
N LEU A 104 16.22 -4.84 -0.53
CA LEU A 104 15.47 -3.70 -1.12
C LEU A 104 14.33 -3.40 -0.16
N LEU A 105 14.25 -2.13 0.28
CA LEU A 105 13.15 -1.66 1.16
C LEU A 105 12.28 -0.69 0.40
N THR A 106 11.05 -0.53 0.87
CA THR A 106 10.15 0.44 0.23
C THR A 106 9.86 1.60 1.17
N GLU A 107 9.45 2.72 0.60
CA GLU A 107 9.05 3.87 1.37
C GLU A 107 7.87 4.58 0.73
N ALA A 108 7.19 5.38 1.56
CA ALA A 108 6.02 6.11 1.05
C ALA A 108 6.47 7.25 0.19
N PRO A 109 5.64 7.70 -0.72
CA PRO A 109 5.89 8.96 -1.37
C PRO A 109 6.04 10.09 -0.33
N LEU A 110 6.87 11.08 -0.65
CA LEU A 110 7.09 12.23 0.20
C LEU A 110 7.71 11.90 1.60
N ASN A 111 8.41 10.78 1.64
CA ASN A 111 9.10 10.37 2.91
C ASN A 111 10.22 11.38 3.18
N PRO A 112 10.26 11.91 4.41
CA PRO A 112 11.33 12.91 4.74
C PRO A 112 12.76 12.32 4.54
N LYS A 113 13.67 13.15 4.06
CA LYS A 113 15.00 12.74 3.77
C LYS A 113 15.65 12.13 5.01
N ALA A 114 15.38 12.71 6.17
CA ALA A 114 15.98 12.19 7.42
C ALA A 114 15.56 10.73 7.73
N ASN A 115 14.32 10.41 7.39
CA ASN A 115 13.79 9.06 7.60
C ASN A 115 14.48 8.06 6.71
N ARG A 116 14.76 8.47 5.45
CA ARG A 116 15.40 7.58 4.49
C ARG A 116 16.85 7.32 4.97
N GLU A 117 17.51 8.38 5.48
CA GLU A 117 18.88 8.24 6.04
C GLU A 117 18.87 7.28 7.24
N LYS A 118 17.83 7.40 8.10
CA LYS A 118 17.81 6.60 9.32
C LYS A 118 17.55 5.10 8.98
N MET A 119 16.74 4.87 7.96
CA MET A 119 16.49 3.50 7.50
C MET A 119 17.81 2.91 7.03
N THR A 120 18.56 3.74 6.31
CA THR A 120 19.88 3.30 5.75
C THR A 120 20.85 2.96 6.89
N GLN A 121 20.95 3.86 7.86
CA GLN A 121 21.88 3.67 9.00
C GLN A 121 21.56 2.39 9.75
N ILE A 122 20.29 2.15 10.02
CA ILE A 122 19.88 0.91 10.78
C ILE A 122 20.18 -0.36 9.98
N MET A 123 19.91 -0.34 8.66
CA MET A 123 20.17 -1.53 7.86
C MET A 123 21.65 -1.88 7.82
N PHE A 124 22.48 -0.87 7.65
CA PHE A 124 23.94 -1.11 7.55
C PHE A 124 24.60 -1.32 8.93
N GLU A 125 24.19 -0.54 9.94
CA GLU A 125 24.90 -0.62 11.22
C GLU A 125 24.35 -1.63 12.18
N THR A 126 23.02 -1.83 12.19
CA THR A 126 22.39 -2.77 13.08
C THR A 126 22.26 -4.15 12.45
N PHE A 127 21.79 -4.23 11.19
CA PHE A 127 21.61 -5.53 10.58
C PHE A 127 22.77 -5.97 9.69
N ASN A 128 23.71 -5.04 9.43
CA ASN A 128 24.92 -5.34 8.67
C ASN A 128 24.65 -5.92 7.29
N VAL A 129 23.57 -5.40 6.65
CA VAL A 129 23.30 -5.88 5.27
C VAL A 129 24.46 -5.51 4.33
N PRO A 130 24.73 -6.36 3.31
CA PRO A 130 25.88 -6.14 2.47
C PRO A 130 25.58 -5.02 1.45
N ALA A 131 24.29 -4.83 1.19
CA ALA A 131 23.83 -3.81 0.24
C ALA A 131 22.37 -3.59 0.44
N MET A 132 21.94 -2.41 0.03
CA MET A 132 20.49 -2.07 0.13
C MET A 132 20.08 -1.08 -0.91
N TYR A 133 18.76 -0.83 -0.99
CA TYR A 133 18.19 0.18 -1.88
C TYR A 133 16.81 0.52 -1.31
N VAL A 134 16.39 1.76 -1.55
CA VAL A 134 15.06 2.18 -1.13
C VAL A 134 14.29 2.69 -2.34
N ALA A 135 13.11 2.11 -2.56
CA ALA A 135 12.27 2.55 -3.64
C ALA A 135 10.92 3.06 -3.17
N ILE A 136 10.35 4.00 -3.91
CA ILE A 136 8.98 4.50 -3.58
C ILE A 136 7.95 3.46 -3.96
N GLN A 137 7.07 3.13 -3.00
CA GLN A 137 6.11 2.05 -3.20
C GLN A 137 5.32 2.16 -4.53
N ALA A 138 4.74 3.34 -4.78
CA ALA A 138 3.93 3.50 -5.99
C ALA A 138 4.72 3.25 -7.29
N VAL A 139 6.02 3.60 -7.26
CA VAL A 139 6.84 3.42 -8.46
C VAL A 139 6.99 1.90 -8.71
N LEU A 140 7.14 1.10 -7.63
CA LEU A 140 7.32 -0.34 -7.78
C LEU A 140 6.03 -0.96 -8.35
N SER A 141 4.86 -0.45 -7.92
CA SER A 141 3.59 -0.92 -8.43
C SER A 141 3.47 -0.66 -9.93
N LEU A 142 3.95 0.51 -10.36
CA LEU A 142 3.98 0.80 -11.79
C LEU A 142 4.87 -0.18 -12.55
N TYR A 143 6.04 -0.50 -11.93
CA TYR A 143 6.96 -1.43 -12.57
C TYR A 143 6.29 -2.81 -12.66
N ALA A 144 5.50 -3.13 -11.68
CA ALA A 144 4.85 -4.51 -11.62
C ALA A 144 3.84 -4.63 -12.76
N SER A 145 3.37 -3.51 -13.29
CA SER A 145 2.46 -3.52 -14.47
C SER A 145 3.19 -3.46 -15.76
N GLY A 146 4.53 -3.46 -15.74
CA GLY A 146 5.36 -3.45 -16.92
C GLY A 146 5.53 -2.06 -17.53
N ARG A 147 5.36 -1.02 -16.72
CA ARG A 147 5.37 0.37 -17.22
C ARG A 147 6.41 1.16 -16.48
N THR A 148 6.94 2.19 -17.14
CA THR A 148 7.79 3.17 -16.44
C THR A 148 7.22 4.57 -16.52
N THR A 149 6.07 4.69 -17.17
CA THR A 149 5.28 5.96 -17.19
C THR A 149 3.86 5.67 -16.88
N GLY A 150 3.28 6.49 -16.00
CA GLY A 150 1.85 6.31 -15.70
C GLY A 150 1.55 7.05 -14.36
N ILE A 151 0.29 6.99 -13.96
CA ILE A 151 -0.04 7.56 -12.62
C ILE A 151 -0.64 6.46 -11.76
N VAL A 152 -0.10 6.32 -10.54
CA VAL A 152 -0.54 5.23 -9.69
C VAL A 152 -1.41 5.81 -8.58
N LEU A 153 -2.54 5.09 -8.35
CA LEU A 153 -3.35 5.35 -7.11
C LEU A 153 -3.00 4.19 -6.16
N ASP A 154 -2.24 4.51 -5.12
CA ASP A 154 -1.84 3.47 -4.16
C ASP A 154 -2.59 3.77 -2.87
N SER A 155 -3.43 2.80 -2.48
CA SER A 155 -4.26 3.00 -1.24
C SER A 155 -4.14 1.75 -0.41
N GLY A 156 -3.62 1.94 0.80
CA GLY A 156 -3.31 0.81 1.70
C GLY A 156 -4.19 0.87 2.96
N ASP A 157 -3.53 0.71 4.10
CA ASP A 157 -4.26 0.68 5.34
C ASP A 157 -4.21 2.07 5.98
N GLY A 158 -3.12 2.80 5.79
CA GLY A 158 -2.89 4.06 6.55
C GLY A 158 -2.93 5.31 5.68
N VAL A 159 -2.61 5.15 4.40
CA VAL A 159 -2.53 6.36 3.52
C VAL A 159 -2.89 6.03 2.08
N THR A 160 -3.30 7.07 1.35
CA THR A 160 -3.59 6.97 -0.09
C THR A 160 -2.77 8.06 -0.80
N HIS A 161 -2.09 7.66 -1.88
CA HIS A 161 -1.38 8.66 -2.71
C HIS A 161 -1.76 8.54 -4.18
N ASN A 162 -1.74 9.67 -4.88
CA ASN A 162 -1.68 9.68 -6.36
C ASN A 162 -0.25 10.04 -6.68
N VAL A 163 0.39 9.15 -7.44
CA VAL A 163 1.85 9.39 -7.80
C VAL A 163 2.03 9.28 -9.31
N PRO A 164 2.24 10.43 -9.96
CA PRO A 164 2.54 10.44 -11.38
C PRO A 164 4.02 10.18 -11.58
N ILE A 165 4.32 9.28 -12.54
CA ILE A 165 5.69 8.80 -12.75
C ILE A 165 6.01 8.87 -14.26
N TYR A 166 7.16 9.48 -14.56
CA TYR A 166 7.59 9.64 -15.98
C TYR A 166 9.00 9.13 -16.16
N GLU A 167 9.17 8.19 -17.12
CA GLU A 167 10.48 7.58 -17.36
C GLU A 167 11.13 7.02 -16.09
N GLY A 168 10.33 6.42 -15.22
CA GLY A 168 10.83 5.74 -14.05
C GLY A 168 10.87 6.54 -12.73
N TYR A 169 10.71 7.87 -12.84
CA TYR A 169 10.86 8.80 -11.70
C TYR A 169 9.50 9.37 -11.34
N ALA A 170 9.20 9.22 -10.08
CA ALA A 170 8.02 9.88 -9.48
C ALA A 170 8.25 11.40 -9.55
N LEU A 171 7.22 12.14 -9.90
CA LEU A 171 7.32 13.61 -10.03
C LEU A 171 6.81 14.24 -8.69
N PRO A 172 7.75 14.61 -7.78
CA PRO A 172 7.35 14.85 -6.38
C PRO A 172 6.41 16.05 -6.23
N HIS A 173 6.55 17.07 -7.11
CA HIS A 173 5.72 18.25 -7.01
C HIS A 173 4.25 17.96 -7.31
N ALA A 174 4.00 16.82 -7.99
CA ALA A 174 2.64 16.51 -8.44
C ALA A 174 2.00 15.39 -7.63
N ILE A 175 2.72 14.90 -6.62
CA ILE A 175 2.16 13.83 -5.75
C ILE A 175 1.02 14.40 -4.91
N MET A 176 -0.11 13.69 -4.83
CA MET A 176 -1.20 14.09 -3.90
C MET A 176 -1.36 13.01 -2.84
N ARG A 177 -1.76 13.44 -1.64
CA ARG A 177 -1.89 12.55 -0.50
C ARG A 177 -3.26 12.73 0.18
N LEU A 178 -3.89 11.58 0.50
CA LEU A 178 -5.15 11.57 1.29
C LEU A 178 -4.87 10.71 2.50
N ASP A 179 -4.98 11.30 3.74
CA ASP A 179 -4.83 10.52 5.01
C ASP A 179 -6.12 9.84 5.31
N LEU A 180 -6.58 9.11 4.34
CA LEU A 180 -7.81 8.29 4.43
C LEU A 180 -7.41 7.02 3.64
N ALA A 181 -7.60 5.85 4.29
CA ALA A 181 -7.33 4.58 3.63
C ALA A 181 -8.06 3.50 4.38
N GLY A 182 -7.59 2.26 4.26
CA GLY A 182 -8.40 1.10 4.74
C GLY A 182 -8.84 1.12 6.18
N ARG A 183 -7.96 1.56 7.06
CA ARG A 183 -8.31 1.52 8.50
C ARG A 183 -9.41 2.53 8.81
N ASP A 184 -9.37 3.71 8.14
CA ASP A 184 -10.39 4.72 8.36
C ASP A 184 -11.74 4.19 7.80
N LEU A 185 -11.68 3.42 6.69
CA LEU A 185 -12.96 2.86 6.11
C LEU A 185 -13.53 1.84 7.11
N THR A 186 -12.67 1.02 7.72
CA THR A 186 -13.14 0.04 8.72
C THR A 186 -13.72 0.77 9.91
N ASP A 187 -13.08 1.89 10.33
CA ASP A 187 -13.58 2.67 11.46
C ASP A 187 -14.92 3.26 11.12
N TYR A 188 -15.11 3.67 9.86
CA TYR A 188 -16.39 4.26 9.46
C TYR A 188 -17.48 3.18 9.45
N LEU A 189 -17.19 2.01 8.87
CA LEU A 189 -18.14 0.89 8.91
C LEU A 189 -18.48 0.51 10.36
N MET A 190 -17.48 0.58 11.22
CA MET A 190 -17.69 0.23 12.63
C MET A 190 -18.66 1.24 13.25
N LYS A 191 -18.51 2.54 12.88
CA LYS A 191 -19.36 3.60 13.43
C LYS A 191 -20.82 3.33 12.96
N ILE A 192 -20.97 3.00 11.69
CA ILE A 192 -22.33 2.71 11.11
C ILE A 192 -22.96 1.52 11.79
N LEU A 193 -22.17 0.46 11.99
CA LEU A 193 -22.74 -0.73 12.61
C LEU A 193 -23.04 -0.55 14.10
N THR A 194 -22.25 0.32 14.75
CA THR A 194 -22.50 0.63 16.19
C THR A 194 -23.81 1.37 16.31
N GLU A 195 -23.99 2.32 15.43
CA GLU A 195 -25.25 3.05 15.37
C GLU A 195 -26.45 2.17 15.12
N ARG A 196 -26.30 1.08 14.37
CA ARG A 196 -27.39 0.14 14.18
C ARG A 196 -27.65 -0.78 15.35
N GLY A 197 -26.76 -0.70 16.33
CA GLY A 197 -27.00 -1.36 17.63
C GLY A 197 -26.13 -2.56 17.87
N TYR A 198 -25.08 -2.73 17.09
CA TYR A 198 -24.15 -3.83 17.37
C TYR A 198 -22.98 -3.32 18.22
N SER A 199 -22.33 -4.22 18.90
CA SER A 199 -21.20 -3.83 19.76
C SER A 199 -19.87 -4.19 19.11
N PHE A 200 -19.19 -3.16 18.59
CA PHE A 200 -17.81 -3.28 18.08
C PHE A 200 -17.02 -2.15 18.65
N VAL A 201 -16.11 -2.46 19.58
CA VAL A 201 -15.43 -1.39 20.32
C VAL A 201 -13.94 -1.64 20.37
N THR A 202 -13.52 -2.83 20.80
CA THR A 202 -12.09 -3.12 20.99
C THR A 202 -11.41 -3.32 19.63
N THR A 203 -10.08 -3.37 19.68
CA THR A 203 -9.33 -3.61 18.41
C THR A 203 -9.63 -5.01 17.91
N ALA A 204 -9.86 -5.97 18.79
CA ALA A 204 -10.16 -7.32 18.35
C ALA A 204 -11.51 -7.36 17.60
N GLU A 205 -12.46 -6.63 18.14
CA GLU A 205 -13.74 -6.51 17.52
C GLU A 205 -13.68 -5.73 16.20
N ARG A 206 -12.79 -4.76 16.14
CA ARG A 206 -12.68 -3.94 14.90
C ARG A 206 -12.19 -4.89 13.76
N GLU A 207 -11.40 -5.93 14.13
CA GLU A 207 -10.92 -6.89 13.10
C GLU A 207 -12.11 -7.64 12.41
N ILE A 208 -13.17 -7.85 13.19
CA ILE A 208 -14.41 -8.51 12.61
C ILE A 208 -14.97 -7.53 11.56
N VAL A 209 -15.04 -6.25 11.91
CA VAL A 209 -15.54 -5.22 11.00
C VAL A 209 -14.65 -5.13 9.72
N ARG A 210 -13.34 -5.19 9.94
CA ARG A 210 -12.45 -5.19 8.75
C ARG A 210 -12.78 -6.36 7.80
N ASP A 211 -13.09 -7.53 8.38
CA ASP A 211 -13.41 -8.68 7.53
C ASP A 211 -14.72 -8.45 6.79
N ILE A 212 -15.71 -7.89 7.53
CA ILE A 212 -17.02 -7.57 6.87
C ILE A 212 -16.78 -6.67 5.68
N LYS A 213 -15.97 -5.64 5.92
CA LYS A 213 -15.69 -4.65 4.88
C LYS A 213 -15.07 -5.36 3.64
N GLU A 214 -14.06 -6.18 3.89
CA GLU A 214 -13.38 -6.84 2.75
C GLU A 214 -14.28 -7.80 1.98
N LYS A 215 -15.18 -8.47 2.70
CA LYS A 215 -15.96 -9.51 2.11
C LYS A 215 -17.22 -8.98 1.38
N LEU A 216 -17.78 -7.90 1.94
CA LEU A 216 -19.13 -7.47 1.48
C LEU A 216 -19.22 -6.05 0.85
N CYS A 217 -18.19 -5.24 1.03
CA CYS A 217 -18.31 -3.85 0.56
C CYS A 217 -17.94 -3.79 -0.95
N TYR A 218 -18.44 -2.75 -1.60
CA TYR A 218 -18.17 -2.55 -3.00
C TYR A 218 -18.33 -1.04 -3.31
N VAL A 219 -17.80 -0.59 -4.44
CA VAL A 219 -17.96 0.79 -4.89
C VAL A 219 -19.08 0.85 -5.94
N ALA A 220 -20.09 1.67 -5.60
CA ALA A 220 -21.23 1.86 -6.50
C ALA A 220 -20.77 2.68 -7.73
N LEU A 221 -21.37 2.31 -8.89
CA LEU A 221 -21.01 3.10 -10.13
C LEU A 221 -21.65 4.44 -10.07
N ASP A 222 -22.90 4.50 -9.47
CA ASP A 222 -23.59 5.73 -9.30
C ASP A 222 -24.24 5.69 -7.89
N PHE A 223 -23.64 6.47 -6.99
CA PHE A 223 -24.00 6.40 -5.56
C PHE A 223 -25.47 6.73 -5.33
N GLU A 224 -25.94 7.85 -5.95
CA GLU A 224 -27.38 8.17 -5.78
C GLU A 224 -28.25 7.06 -6.27
N ASN A 225 -27.98 6.54 -7.45
CA ASN A 225 -28.79 5.42 -7.98
C ASN A 225 -28.81 4.22 -6.99
N GLU A 226 -27.62 3.92 -6.44
CA GLU A 226 -27.46 2.72 -5.63
C GLU A 226 -28.22 2.87 -4.29
N MET A 227 -28.18 4.10 -3.77
CA MET A 227 -28.99 4.45 -2.55
C MET A 227 -30.49 4.20 -2.81
N ALA A 228 -30.96 4.63 -3.98
CA ALA A 228 -32.37 4.44 -4.35
C ALA A 228 -32.72 2.97 -4.47
N THR A 229 -31.79 2.19 -5.04
CA THR A 229 -32.00 0.71 -5.14
C THR A 229 -32.16 0.07 -3.80
N ALA A 230 -31.22 0.42 -2.88
CA ALA A 230 -31.22 -0.18 -1.56
C ALA A 230 -32.41 0.26 -0.75
N ALA A 231 -32.91 1.46 -1.07
CA ALA A 231 -34.15 1.95 -0.37
C ALA A 231 -35.42 1.30 -0.79
N SER A 232 -35.41 0.69 -2.02
CA SER A 232 -36.69 0.24 -2.65
C SER A 232 -36.70 -1.28 -2.84
N SER A 233 -35.61 -1.97 -2.50
CA SER A 233 -35.50 -3.42 -2.73
C SER A 233 -34.54 -4.00 -1.71
N SER A 234 -34.64 -5.33 -1.54
CA SER A 234 -33.67 -6.07 -0.72
C SER A 234 -32.55 -6.71 -1.57
N SER A 235 -32.49 -6.36 -2.86
CA SER A 235 -31.57 -6.99 -3.82
C SER A 235 -30.08 -6.82 -3.49
N LEU A 236 -29.71 -5.78 -2.74
CA LEU A 236 -28.33 -5.51 -2.40
C LEU A 236 -27.95 -6.04 -1.02
N GLU A 237 -28.88 -6.65 -0.32
CA GLU A 237 -28.59 -7.07 1.07
C GLU A 237 -27.70 -8.32 1.11
N LYS A 238 -26.76 -8.37 2.06
CA LYS A 238 -25.92 -9.56 2.25
C LYS A 238 -25.85 -9.79 3.76
N SER A 239 -25.65 -11.06 4.15
CA SER A 239 -25.61 -11.41 5.55
C SER A 239 -24.26 -11.92 5.98
N TYR A 240 -23.95 -11.78 7.29
CA TYR A 240 -22.64 -12.14 7.79
C TYR A 240 -22.77 -12.61 9.25
N GLU A 241 -22.26 -13.80 9.53
CA GLU A 241 -22.40 -14.37 10.89
C GLU A 241 -21.23 -13.88 11.75
N LEU A 242 -21.58 -13.22 12.86
CA LEU A 242 -20.57 -12.65 13.77
C LEU A 242 -20.05 -13.81 14.64
N PRO A 243 -18.91 -13.61 15.31
CA PRO A 243 -18.35 -14.68 16.22
C PRO A 243 -19.31 -15.07 17.33
N ASP A 244 -20.20 -14.16 17.77
CA ASP A 244 -21.16 -14.48 18.85
C ASP A 244 -22.40 -15.20 18.35
N GLY A 245 -22.43 -15.46 17.05
CA GLY A 245 -23.58 -16.19 16.43
C GLY A 245 -24.69 -15.33 15.85
N GLN A 246 -24.70 -14.05 16.18
CA GLN A 246 -25.65 -13.10 15.58
C GLN A 246 -25.36 -13.03 14.08
N VAL A 247 -26.42 -12.94 13.29
CA VAL A 247 -26.27 -12.70 11.85
C VAL A 247 -26.69 -11.24 11.59
N ILE A 248 -25.72 -10.49 11.10
CA ILE A 248 -26.00 -9.09 10.72
C ILE A 248 -26.30 -9.07 9.18
N THR A 249 -27.22 -8.19 8.79
CA THR A 249 -27.55 -7.98 7.35
C THR A 249 -27.20 -6.53 7.03
N ILE A 250 -26.49 -6.32 5.93
CA ILE A 250 -26.19 -4.94 5.51
C ILE A 250 -26.61 -4.76 4.06
N GLY A 251 -26.99 -3.53 3.71
CA GLY A 251 -27.50 -3.28 2.36
C GLY A 251 -26.74 -2.07 1.87
N ASN A 252 -27.23 -0.83 2.10
CA ASN A 252 -26.45 0.34 1.69
C ASN A 252 -25.09 0.58 2.36
N GLU A 253 -24.89 -0.05 3.54
CA GLU A 253 -23.60 0.05 4.23
C GLU A 253 -22.48 -0.54 3.37
N ARG A 254 -22.89 -1.48 2.49
CA ARG A 254 -21.86 -2.11 1.64
C ARG A 254 -21.13 -1.09 0.73
N PHE A 255 -21.88 -0.14 0.17
CA PHE A 255 -21.25 0.83 -0.74
C PHE A 255 -21.09 2.23 -0.13
N ARG A 256 -21.79 2.48 0.99
CA ARG A 256 -21.56 3.77 1.69
C ARG A 256 -20.19 3.83 2.33
N CYS A 257 -19.69 2.66 2.75
CA CYS A 257 -18.34 2.61 3.38
C CYS A 257 -17.22 3.07 2.42
N PRO A 258 -17.06 2.41 1.26
CA PRO A 258 -15.98 2.87 0.35
C PRO A 258 -16.31 4.12 -0.45
N GLU A 259 -17.59 4.53 -0.43
CA GLU A 259 -17.92 5.83 -1.08
C GLU A 259 -17.08 6.96 -0.46
N THR A 260 -16.71 6.79 0.81
CA THR A 260 -15.87 7.79 1.51
C THR A 260 -14.58 8.09 0.74
N LEU A 261 -14.07 7.11 -0.05
CA LEU A 261 -12.90 7.41 -0.88
C LEU A 261 -13.19 8.51 -1.93
N PHE A 262 -14.41 8.54 -2.45
CA PHE A 262 -14.81 9.56 -3.43
C PHE A 262 -15.35 10.78 -2.71
N GLN A 263 -15.93 10.56 -1.54
CA GLN A 263 -16.58 11.64 -0.76
C GLN A 263 -16.05 11.69 0.69
N PRO A 264 -14.85 12.27 0.91
CA PRO A 264 -14.22 12.19 2.23
C PRO A 264 -15.01 12.88 3.30
N SER A 265 -15.92 13.75 2.89
CA SER A 265 -16.83 14.44 3.88
C SER A 265 -17.64 13.42 4.67
N PHE A 266 -17.76 12.19 4.16
CA PHE A 266 -18.49 11.15 4.94
C PHE A 266 -17.90 10.88 6.33
N ILE A 267 -16.59 11.06 6.47
CA ILE A 267 -15.97 10.96 7.77
C ILE A 267 -15.48 12.28 8.30
N GLY A 268 -16.10 13.38 7.80
CA GLY A 268 -15.73 14.72 8.22
C GLY A 268 -14.42 15.26 7.72
N MET A 269 -13.86 14.73 6.62
CA MET A 269 -12.69 15.35 5.97
C MET A 269 -13.02 16.29 4.86
N GLU A 270 -12.25 17.38 4.76
CA GLU A 270 -12.53 18.37 3.77
C GLU A 270 -11.84 18.09 2.43
N SER A 271 -11.09 17.01 2.40
CA SER A 271 -10.26 16.66 1.27
C SER A 271 -11.06 16.28 0.03
N ALA A 272 -10.50 16.55 -1.15
CA ALA A 272 -11.20 16.12 -2.38
C ALA A 272 -11.11 14.55 -2.41
N GLY A 273 -12.03 13.93 -3.15
CA GLY A 273 -12.03 12.42 -3.27
C GLY A 273 -10.91 11.94 -4.21
N ILE A 274 -10.73 10.62 -4.23
CA ILE A 274 -9.62 10.00 -4.97
C ILE A 274 -9.65 10.25 -6.50
N HIS A 275 -10.83 10.48 -7.02
CA HIS A 275 -10.96 10.80 -8.48
C HIS A 275 -10.48 12.21 -8.74
N GLU A 276 -10.79 13.15 -7.81
CA GLU A 276 -10.37 14.54 -8.00
C GLU A 276 -8.90 14.67 -7.73
N THR A 277 -8.36 13.91 -6.75
CA THR A 277 -6.91 13.97 -6.50
C THR A 277 -6.11 13.32 -7.64
N THR A 278 -6.70 12.35 -8.32
CA THR A 278 -6.09 11.82 -9.55
C THR A 278 -5.99 12.90 -10.62
N TYR A 279 -7.12 13.57 -10.86
CA TYR A 279 -7.16 14.60 -11.88
C TYR A 279 -6.22 15.76 -11.52
N ASN A 280 -6.26 16.21 -10.24
CA ASN A 280 -5.41 17.34 -9.86
C ASN A 280 -3.93 17.00 -9.99
N SER A 281 -3.60 15.75 -9.68
CA SER A 281 -2.21 15.26 -9.83
C SER A 281 -1.77 15.37 -11.29
N ILE A 282 -2.62 14.88 -12.19
CA ILE A 282 -2.29 14.92 -13.66
C ILE A 282 -2.14 16.38 -14.10
N MET A 283 -2.99 17.24 -13.53
CA MET A 283 -2.95 18.70 -13.98
C MET A 283 -1.75 19.45 -13.39
N LYS A 284 -1.05 18.88 -12.44
CA LYS A 284 0.22 19.42 -11.95
C LYS A 284 1.38 19.03 -12.80
N CYS A 285 1.20 18.02 -13.65
CA CYS A 285 2.29 17.56 -14.50
C CYS A 285 2.38 18.26 -15.81
N ASP A 286 3.52 18.14 -16.49
CA ASP A 286 3.71 18.77 -17.82
C ASP A 286 2.60 18.42 -18.75
N ILE A 287 2.02 19.42 -19.40
CA ILE A 287 0.90 19.23 -20.33
C ILE A 287 1.22 18.14 -21.41
N ASP A 288 2.50 17.97 -21.72
CA ASP A 288 2.94 17.06 -22.76
C ASP A 288 2.99 15.59 -22.37
N ILE A 289 2.78 15.30 -21.09
CA ILE A 289 2.80 13.90 -20.60
C ILE A 289 1.42 13.47 -20.11
N ARG A 290 0.45 14.40 -20.12
CA ARG A 290 -0.87 14.08 -19.50
C ARG A 290 -1.62 12.97 -20.21
N LYS A 291 -1.50 12.93 -21.56
CA LYS A 291 -2.14 11.82 -22.27
C LYS A 291 -1.62 10.48 -21.83
N ASP A 292 -0.29 10.38 -21.58
CA ASP A 292 0.30 9.12 -21.09
C ASP A 292 -0.24 8.79 -19.70
N LEU A 293 -0.42 9.84 -18.83
CA LEU A 293 -0.93 9.52 -17.50
C LEU A 293 -2.37 9.03 -17.54
N TYR A 294 -3.23 9.70 -18.31
CA TYR A 294 -4.62 9.35 -18.36
C TYR A 294 -4.80 7.93 -18.89
N ALA A 295 -3.93 7.54 -19.80
CA ALA A 295 -4.04 6.22 -20.47
C ALA A 295 -3.35 5.12 -19.66
N ASN A 296 -2.77 5.51 -18.52
CA ASN A 296 -1.99 4.57 -17.71
C ASN A 296 -2.23 4.79 -16.21
N ASN A 297 -3.48 4.69 -15.79
CA ASN A 297 -3.84 4.85 -14.36
C ASN A 297 -3.81 3.49 -13.71
N VAL A 298 -2.79 3.27 -12.90
CA VAL A 298 -2.61 1.90 -12.32
C VAL A 298 -3.08 1.97 -10.88
N MET A 299 -3.95 1.04 -10.49
CA MET A 299 -4.39 0.95 -9.03
C MET A 299 -3.61 -0.08 -8.27
N SER A 300 -3.17 0.33 -7.06
CA SER A 300 -2.27 -0.49 -6.24
C SER A 300 -2.79 -0.43 -4.75
N GLY A 301 -2.61 -1.56 -4.03
CA GLY A 301 -2.91 -1.62 -2.57
C GLY A 301 -4.20 -2.28 -2.25
N GLY A 302 -4.29 -2.67 -0.98
CA GLY A 302 -5.51 -3.43 -0.54
C GLY A 302 -6.81 -2.65 -0.67
N THR A 303 -6.73 -1.34 -0.44
CA THR A 303 -8.00 -0.50 -0.48
C THR A 303 -8.48 -0.26 -1.87
N THR A 304 -7.68 -0.67 -2.88
CA THR A 304 -8.19 -0.62 -4.28
C THR A 304 -8.85 -1.93 -4.72
N MET A 305 -9.09 -2.84 -3.76
CA MET A 305 -9.62 -4.17 -4.14
C MET A 305 -11.14 -4.19 -4.26
N TYR A 306 -11.83 -3.12 -3.82
CA TYR A 306 -13.28 -3.19 -3.82
C TYR A 306 -13.84 -3.48 -5.25
N PRO A 307 -14.81 -4.38 -5.36
CA PRO A 307 -15.48 -4.55 -6.67
C PRO A 307 -16.03 -3.20 -7.10
N GLY A 308 -15.90 -2.92 -8.39
CA GLY A 308 -16.51 -1.69 -8.91
C GLY A 308 -15.61 -0.47 -8.94
N ILE A 309 -14.48 -0.53 -8.21
CA ILE A 309 -13.71 0.70 -8.04
C ILE A 309 -13.08 1.21 -9.38
N ALA A 310 -12.67 0.25 -10.22
CA ALA A 310 -12.03 0.66 -11.50
C ALA A 310 -13.07 1.29 -12.39
N ASP A 311 -14.27 0.67 -12.48
CA ASP A 311 -15.30 1.25 -13.35
C ASP A 311 -15.75 2.63 -12.87
N ARG A 312 -15.77 2.81 -11.52
CA ARG A 312 -16.16 4.10 -10.96
C ARG A 312 -15.10 5.17 -11.27
N MET A 313 -13.82 4.80 -11.07
CA MET A 313 -12.72 5.69 -11.44
C MET A 313 -12.79 6.07 -12.93
N GLN A 314 -13.03 5.08 -13.79
CA GLN A 314 -13.09 5.35 -15.28
C GLN A 314 -14.17 6.41 -15.47
N LYS A 315 -15.36 6.20 -14.88
CA LYS A 315 -16.46 7.15 -15.02
C LYS A 315 -16.15 8.57 -14.54
N GLU A 316 -15.52 8.64 -13.34
CA GLU A 316 -15.30 9.94 -12.72
C GLU A 316 -14.19 10.70 -13.46
N ILE A 317 -13.11 10.00 -13.83
CA ILE A 317 -11.98 10.69 -14.53
C ILE A 317 -12.49 11.11 -15.93
N THR A 318 -13.34 10.26 -16.56
CA THR A 318 -13.94 10.66 -17.87
C THR A 318 -14.72 11.98 -17.75
N ALA A 319 -15.42 12.16 -16.62
CA ALA A 319 -16.21 13.37 -16.44
C ALA A 319 -15.31 14.60 -16.22
N LEU A 320 -14.11 14.39 -15.65
CA LEU A 320 -13.21 15.55 -15.38
C LEU A 320 -12.29 15.92 -16.56
N ALA A 321 -11.94 14.92 -17.38
CA ALA A 321 -10.88 15.06 -18.38
C ALA A 321 -11.53 15.62 -19.65
N PRO A 322 -10.70 16.17 -20.57
CA PRO A 322 -11.18 16.62 -21.92
C PRO A 322 -11.93 15.51 -22.55
N SER A 323 -12.99 15.86 -23.30
CA SER A 323 -13.91 14.88 -23.89
C SER A 323 -13.30 13.82 -24.82
N THR A 324 -12.18 14.11 -25.45
CA THR A 324 -11.58 13.14 -26.40
C THR A 324 -10.39 12.35 -25.82
N MET A 325 -10.12 12.58 -24.53
CA MET A 325 -9.00 11.91 -23.87
C MET A 325 -9.20 10.40 -23.72
N LYS A 326 -8.18 9.64 -24.07
CA LYS A 326 -8.20 8.19 -23.86
C LYS A 326 -7.88 7.92 -22.39
N ILE A 327 -8.84 7.29 -21.69
CA ILE A 327 -8.62 7.02 -20.20
C ILE A 327 -8.61 5.51 -20.01
N LYS A 328 -7.64 5.00 -19.28
CA LYS A 328 -7.56 3.56 -19.03
C LYS A 328 -7.18 3.39 -17.56
N ILE A 329 -7.97 2.55 -16.89
CA ILE A 329 -7.67 2.18 -15.45
C ILE A 329 -7.16 0.72 -15.46
N ILE A 330 -5.95 0.52 -14.95
CA ILE A 330 -5.35 -0.78 -14.89
C ILE A 330 -5.43 -1.26 -13.45
N ALA A 331 -6.21 -2.34 -13.20
CA ALA A 331 -6.40 -2.82 -11.81
C ALA A 331 -6.08 -4.34 -11.78
N PRO A 332 -4.78 -4.67 -11.65
CA PRO A 332 -4.33 -6.07 -11.71
C PRO A 332 -4.96 -6.90 -10.60
N PRO A 333 -5.25 -8.18 -10.88
CA PRO A 333 -5.80 -9.04 -9.80
C PRO A 333 -4.91 -9.17 -8.59
N GLU A 334 -3.59 -9.04 -8.79
CA GLU A 334 -2.65 -9.24 -7.65
C GLU A 334 -2.29 -7.94 -6.94
N ARG A 335 -3.11 -6.90 -7.11
CA ARG A 335 -2.67 -5.54 -6.68
C ARG A 335 -2.60 -5.30 -5.18
N LYS A 336 -3.07 -6.26 -4.34
CA LYS A 336 -2.75 -6.20 -2.90
C LYS A 336 -1.24 -6.29 -2.66
N TYR A 337 -0.52 -6.93 -3.60
CA TYR A 337 0.92 -7.19 -3.47
C TYR A 337 1.76 -6.60 -4.62
N SER A 338 1.16 -5.66 -5.38
CA SER A 338 1.83 -5.10 -6.54
C SER A 338 3.11 -4.33 -6.16
N VAL A 339 3.08 -3.64 -5.04
CA VAL A 339 4.37 -2.96 -4.58
C VAL A 339 5.43 -3.98 -4.43
N TRP A 340 5.15 -5.05 -3.68
CA TRP A 340 6.17 -6.05 -3.39
C TRP A 340 6.64 -6.77 -4.65
N ILE A 341 5.71 -7.05 -5.53
CA ILE A 341 6.04 -7.80 -6.78
C ILE A 341 6.96 -6.90 -7.65
N GLY A 342 6.66 -5.58 -7.68
CA GLY A 342 7.57 -4.70 -8.40
C GLY A 342 8.96 -4.69 -7.86
N GLY A 343 9.06 -4.76 -6.52
CA GLY A 343 10.35 -4.83 -5.82
C GLY A 343 11.05 -6.15 -6.14
N SER A 344 10.27 -7.22 -6.18
CA SER A 344 10.84 -8.56 -6.58
C SER A 344 11.41 -8.58 -7.96
N ILE A 345 10.72 -7.96 -8.92
CA ILE A 345 11.17 -7.85 -10.30
C ILE A 345 12.45 -7.00 -10.30
N LEU A 346 12.35 -5.76 -9.77
CA LEU A 346 13.47 -4.81 -9.89
C LEU A 346 14.75 -5.39 -9.31
N ALA A 347 14.68 -5.99 -8.10
CA ALA A 347 15.87 -6.49 -7.41
C ALA A 347 16.44 -7.75 -8.03
N SER A 348 15.63 -8.36 -8.91
CA SER A 348 16.11 -9.56 -9.62
C SER A 348 16.80 -9.26 -10.94
N LEU A 349 16.67 -8.05 -11.47
CA LEU A 349 17.15 -7.69 -12.82
C LEU A 349 18.67 -7.54 -12.89
N SER A 350 19.31 -7.92 -14.03
CA SER A 350 20.75 -7.81 -14.04
C SER A 350 21.27 -6.39 -14.00
N THR A 351 20.60 -5.48 -14.71
CA THR A 351 21.05 -4.08 -14.78
C THR A 351 20.89 -3.36 -13.43
N PHE A 352 19.98 -3.88 -12.59
CA PHE A 352 19.83 -3.25 -11.25
C PHE A 352 21.01 -3.56 -10.32
N GLN A 353 21.80 -4.60 -10.64
CA GLN A 353 22.75 -5.09 -9.63
C GLN A 353 23.84 -4.05 -9.31
N GLN A 354 24.13 -3.20 -10.29
CA GLN A 354 25.11 -2.14 -10.04
C GLN A 354 24.46 -0.94 -9.35
N MET A 355 23.17 -1.01 -9.07
CA MET A 355 22.47 0.17 -8.47
C MET A 355 22.31 0.02 -6.93
N TRP A 356 22.54 -1.18 -6.41
CA TRP A 356 22.59 -1.35 -4.89
C TRP A 356 23.62 -0.40 -4.26
N ILE A 357 23.24 0.19 -3.13
CA ILE A 357 24.22 0.89 -2.33
C ILE A 357 24.92 -0.21 -1.52
N THR A 358 26.23 -0.23 -1.62
CA THR A 358 26.99 -1.28 -0.93
C THR A 358 27.38 -0.82 0.48
N LYS A 359 27.71 -1.78 1.34
CA LYS A 359 28.15 -1.39 2.69
C LYS A 359 29.46 -0.62 2.60
N GLN A 360 30.29 -0.98 1.63
CA GLN A 360 31.57 -0.28 1.41
C GLN A 360 31.37 1.18 1.08
N GLU A 361 30.37 1.47 0.26
CA GLU A 361 30.06 2.85 -0.09
C GLU A 361 29.50 3.60 1.12
N TYR A 362 28.64 2.93 1.90
CA TYR A 362 28.15 3.53 3.12
C TYR A 362 29.23 3.83 4.10
N ASP A 363 30.19 2.90 4.24
CA ASP A 363 31.32 3.14 5.20
C ASP A 363 32.15 4.37 4.82
N GLU A 364 32.30 4.60 3.50
CA GLU A 364 32.99 5.79 3.05
C GLU A 364 32.26 7.11 3.16
N ALA A 365 30.96 7.10 2.85
CA ALA A 365 30.21 8.30 2.59
C ALA A 365 29.08 8.58 3.61
N GLY A 366 28.60 7.56 4.32
CA GLY A 366 27.55 7.77 5.35
C GLY A 366 26.14 7.72 4.73
N PRO A 367 25.10 7.92 5.57
CA PRO A 367 23.68 7.63 5.21
C PRO A 367 23.23 8.49 4.04
N SER A 368 23.84 9.67 3.87
CA SER A 368 23.39 10.60 2.80
C SER A 368 23.54 10.06 1.38
N ILE A 369 24.31 8.96 1.21
CA ILE A 369 24.42 8.32 -0.09
C ILE A 369 23.11 7.79 -0.68
N VAL A 370 22.11 7.59 0.20
CA VAL A 370 20.91 6.91 -0.27
C VAL A 370 20.07 7.78 -1.29
N HIS A 371 20.22 9.12 -1.25
CA HIS A 371 19.35 10.04 -2.07
C HIS A 371 19.68 10.04 -3.59
N PRO B 10 23.01 6.84 -16.99
CA PRO B 10 22.30 7.24 -18.27
C PRO B 10 22.03 5.99 -19.17
N LYS B 11 23.12 5.34 -19.58
CA LYS B 11 23.03 4.05 -20.28
C LYS B 11 22.43 2.98 -19.34
N VAL B 12 22.82 3.05 -18.06
CA VAL B 12 22.27 2.10 -17.06
C VAL B 12 20.73 2.30 -16.94
N ALA B 13 20.32 3.56 -16.80
CA ALA B 13 18.90 3.88 -16.69
C ALA B 13 18.17 3.39 -17.93
N GLU B 14 18.71 3.62 -19.10
CA GLU B 14 18.06 3.15 -20.34
C GLU B 14 17.89 1.63 -20.36
N ASN B 15 18.93 0.90 -19.99
CA ASN B 15 18.80 -0.54 -20.03
C ASN B 15 17.81 -1.11 -18.96
N LEU B 16 17.85 -0.53 -17.79
CA LEU B 16 16.98 -0.93 -16.71
C LEU B 16 15.50 -0.75 -17.15
N LYS B 17 15.23 0.39 -17.77
CA LYS B 17 13.84 0.65 -18.27
C LYS B 17 13.41 -0.36 -19.28
N SER B 18 14.31 -0.71 -20.13
CA SER B 18 14.02 -1.74 -21.12
C SER B 18 13.75 -3.12 -20.46
N GLN B 19 14.54 -3.50 -19.45
CA GLN B 19 14.31 -4.80 -18.82
C GLN B 19 12.94 -4.78 -18.03
N LEU B 20 12.59 -3.63 -17.39
CA LEU B 20 11.30 -3.54 -16.66
C LEU B 20 10.10 -3.65 -17.61
N GLU B 21 10.17 -2.92 -18.72
CA GLU B 21 9.06 -2.88 -19.64
C GLU B 21 8.85 -4.24 -20.35
N GLY B 22 9.92 -5.01 -20.49
CA GLY B 22 9.86 -6.24 -21.17
C GLY B 22 9.68 -7.47 -20.31
N PHE B 23 9.62 -7.25 -18.99
CA PHE B 23 9.61 -8.37 -18.05
C PHE B 23 8.30 -9.15 -18.04
N ASN B 24 8.42 -10.46 -18.05
CA ASN B 24 7.26 -11.34 -18.08
C ASN B 24 7.17 -11.91 -16.64
N GLN B 25 6.11 -11.52 -15.91
CA GLN B 25 5.86 -12.00 -14.51
C GLN B 25 5.74 -13.55 -14.38
N ASP B 26 5.46 -14.23 -15.48
CA ASP B 26 5.45 -15.69 -15.46
C ASP B 26 6.86 -16.26 -15.20
N LYS B 27 7.89 -15.41 -15.27
CA LYS B 27 9.26 -15.87 -15.04
C LYS B 27 9.47 -16.03 -13.52
N LEU B 28 8.62 -15.35 -12.74
CA LEU B 28 8.83 -15.32 -11.31
C LEU B 28 8.55 -16.65 -10.69
N LYS B 29 9.27 -16.97 -9.62
CA LYS B 29 9.18 -18.35 -9.09
C LYS B 29 7.94 -18.52 -8.25
N LYS B 30 7.21 -19.62 -8.43
CA LYS B 30 6.02 -19.92 -7.62
C LYS B 30 6.43 -20.22 -6.19
N THR B 31 5.67 -19.71 -5.23
CA THR B 31 6.15 -19.76 -3.82
C THR B 31 5.92 -21.03 -2.94
PG ATP C . -0.04 1.70 3.64
O1G ATP C . -1.20 2.61 3.81
O2G ATP C . 0.35 1.44 2.15
O3G ATP C . 1.10 2.01 4.58
PB ATP C . -0.34 -1.22 3.81
O1B ATP C . 0.74 -1.32 2.79
O2B ATP C . -0.13 -2.01 5.05
O3B ATP C . -0.65 0.27 4.26
PA ATP C . -2.04 -2.90 2.20
O1A ATP C . -1.91 -2.46 0.78
O2A ATP C . -1.27 -4.10 2.69
O3A ATP C . -1.77 -1.67 3.16
O5' ATP C . -3.61 -3.07 2.41
C5' ATP C . -4.15 -3.34 3.73
C4' ATP C . -5.52 -2.67 3.73
O4' ATP C . -6.27 -3.15 2.58
C3' ATP C . -6.35 -3.08 4.92
O3' ATP C . -7.06 -1.91 5.37
C2' ATP C . -7.45 -4.05 4.44
O2' ATP C . -8.69 -3.97 5.18
C1' ATP C . -7.59 -3.57 2.98
N9 ATP C . -8.06 -4.68 2.14
C8 ATP C . -7.46 -5.88 1.91
N7 ATP C . -8.24 -6.66 1.13
C5 ATP C . -9.33 -5.91 0.82
C6 ATP C . -10.53 -6.15 0.01
N6 ATP C . -10.67 -7.35 -0.67
N1 ATP C . -11.42 -5.17 -0.07
C2 ATP C . -11.32 -3.95 0.56
N3 ATP C . -10.21 -3.69 1.34
C4 ATP C . -9.20 -4.60 1.43
MG MG D . 1.65 0.09 1.24
S1 LAR E . -8.70 -2.41 11.28
N1 LAR E . -6.85 -2.03 9.58
O1 LAR E . -4.69 -5.93 6.77
O2 LAR E . -4.49 -6.34 9.04
O3 LAR E . -4.58 -3.98 11.75
O4 LAR E . -6.48 -4.77 10.57
O5 LAR E . -8.89 -2.02 8.72
C1 LAR E . -4.86 -6.74 7.73
C2 LAR E . -5.41 -8.06 7.46
C3 LAR E . -5.28 -9.16 8.21
C4 LAR E . -4.36 -9.33 9.42
C5 LAR E . -5.18 -9.17 10.67
C6 LAR E . -4.09 -9.38 11.73
C7 LAR E . -3.99 -8.84 12.89
C8 LAR E . -3.70 -8.71 14.15
C9 LAR E . -3.97 -7.62 14.89
C10 LAR E . -4.79 -6.39 14.53
C11 LAR E . -3.98 -5.14 14.28
C12 LAR E . -3.08 -5.35 13.03
C13 LAR E . -3.93 -5.28 11.76
C14 LAR E . -2.89 -5.28 10.53
C15 LAR E . -3.69 -5.18 9.20
C16 LAR E . -4.65 -3.95 9.28
C17 LAR E . -5.41 -3.78 10.58
C18 LAR E . -6.05 -2.38 10.76
C19 LAR E . -7.02 -2.26 11.99
C20 LAR E . -8.16 -2.13 9.68
C21 LAR E . -5.96 -10.40 7.66
C22 LAR E . -5.70 -6.19 15.76
#